data_7WQ5
#
_entry.id   7WQ5
#
_cell.length_a   92.520
_cell.length_b   132.050
_cell.length_c   124.430
_cell.angle_alpha   90.000
_cell.angle_beta   90.000
_cell.angle_gamma   90.000
#
_symmetry.space_group_name_H-M   'C 2 2 2'
#
loop_
_entity.id
_entity.type
_entity.pdbx_description
1 polymer 'Ethylene-responsive transcription factor WRI1'
2 polymer "DNA (5'-D(P*GP*TP*GP*GP*AP*CP*GP*AP*TP*GP*AP*AP*AP*CP*CP*GP*AP*GP*GP*AP*AP*GP*TP*A)-3')"
3 polymer "DNA (5'-D(P*TP*AP*CP*TP*TP*CP*CP*TP*CP*GP*GP*TP*TP*TP*CP*AP*TP*CP*GP*TP*CP*CP*AP*C)-3')"
4 non-polymer 'AMMONIUM ION'
5 water water
#
loop_
_entity_poly.entity_id
_entity_poly.type
_entity_poly.pdbx_seq_one_letter_code
_entity_poly.pdbx_strand_id
1 'polypeptide(L)'
;MGASTRRSSIYRGVTRHRWTGRFEAHLWDKSSWNSIQNKKGKQVYLGAYDSEEAAAHTYDLAALKYWGPDTILNFPAETY
TKELEEMQRVTKEEYLASLRRQSSGFSRGVSKYRGVARHHHNGRWEARIGRVFGNKYLYLGTYNTQEEAAAAYDMAAIEY
RGANAVTNFDISNYIDRLKKKGVFPFPVNQANHQEGILVEAKQEVETREAKEEPREEVKQQYVEEPPQEEEEKEEEKAEQ
QEAEIVGYSEEA
;
A,B
2 'polydeoxyribonucleotide'
;(DG)(DT)(DG)(DG)(DA)(DC)(DG)(DA)(DT)(DG)(DA)(DA)(DA)(DC)(DC)(DG)(DA)(DG)(DG)(DA)
(DA)(DG)(DT)(DA)
;
F,D
3 'polydeoxyribonucleotide'
;(DT)(DA)(DC)(DT)(DT)(DC)(DC)(DT)(DC)(DG)(DG)(DT)(DT)(DT)(DC)(DA)(DT)(DC)(DG)(DT)
(DC)(DC)(DA)(DC)
;
C,E
#
# COMPACT_ATOMS: atom_id res chain seq x y z
N SER A 4 29.48 5.94 -24.93
CA SER A 4 30.06 7.27 -24.75
C SER A 4 30.56 7.46 -23.31
N THR A 5 29.75 8.16 -22.52
CA THR A 5 30.14 8.52 -21.16
C THR A 5 30.20 7.27 -20.26
N ARG A 6 31.24 7.20 -19.43
CA ARG A 6 31.36 6.14 -18.45
C ARG A 6 30.26 6.27 -17.39
N ARG A 7 29.79 5.13 -16.88
CA ARG A 7 28.70 5.17 -15.90
C ARG A 7 29.14 5.92 -14.66
N SER A 8 28.22 6.72 -14.12
CA SER A 8 28.54 7.60 -13.01
C SER A 8 28.91 6.84 -11.74
N SER A 9 28.45 5.60 -11.61
CA SER A 9 28.77 4.80 -10.44
C SER A 9 29.08 3.37 -10.87
N ILE A 10 29.95 2.72 -10.08
CA ILE A 10 30.28 1.31 -10.31
C ILE A 10 29.18 0.36 -9.87
N TYR A 11 28.12 0.87 -9.24
CA TYR A 11 27.08 0.02 -8.65
C TYR A 11 25.79 0.11 -9.44
N ARG A 12 25.04 -0.98 -9.42
CA ARG A 12 23.73 -1.00 -10.05
C ARG A 12 22.77 -0.13 -9.24
N GLY A 13 21.93 0.62 -9.96
CA GLY A 13 20.90 1.42 -9.31
C GLY A 13 21.37 2.67 -8.63
N VAL A 14 22.65 3.04 -8.81
CA VAL A 14 23.25 4.20 -8.17
C VAL A 14 23.67 5.19 -9.25
N THR A 15 23.28 6.45 -9.07
CA THR A 15 23.68 7.51 -10.00
C THR A 15 24.25 8.67 -9.21
N ARG A 16 25.50 9.03 -9.50
CA ARG A 16 26.05 10.22 -8.89
C ARG A 16 25.47 11.44 -9.57
N HIS A 17 24.76 12.27 -8.80
CA HIS A 17 24.07 13.41 -9.38
C HIS A 17 25.07 14.45 -9.89
N ARG A 18 24.84 14.92 -11.12
CA ARG A 18 25.83 15.76 -11.79
C ARG A 18 26.05 17.08 -11.07
N TRP A 19 25.04 17.58 -10.36
CA TRP A 19 25.17 18.85 -9.68
C TRP A 19 25.49 18.71 -8.19
N THR A 20 24.73 17.89 -7.47
CA THR A 20 24.91 17.82 -6.02
C THR A 20 26.11 16.95 -5.64
N GLY A 21 26.53 16.06 -6.52
CA GLY A 21 27.58 15.13 -6.13
C GLY A 21 27.10 14.06 -5.20
N ARG A 22 25.79 13.92 -5.03
CA ARG A 22 25.21 12.92 -4.14
C ARG A 22 24.95 11.64 -4.93
N PHE A 23 25.01 10.52 -4.23
CA PHE A 23 24.76 9.23 -4.87
C PHE A 23 23.30 8.88 -4.64
N GLU A 24 22.50 9.02 -5.69
CA GLU A 24 21.09 8.68 -5.63
C GLU A 24 20.91 7.18 -5.84
N ALA A 25 20.09 6.56 -5.01
CA ALA A 25 19.65 5.21 -5.27
C ALA A 25 18.31 5.27 -5.99
N HIS A 26 18.15 4.40 -7.00
CA HIS A 26 16.92 4.39 -7.76
C HIS A 26 16.67 2.96 -8.22
N LEU A 27 15.45 2.72 -8.67
CA LEU A 27 15.05 1.36 -8.98
C LEU A 27 14.06 1.41 -10.13
N TRP A 28 14.09 0.38 -10.96
CA TRP A 28 13.20 0.28 -12.12
C TRP A 28 12.19 -0.82 -11.83
N ASP A 29 10.94 -0.41 -11.67
CA ASP A 29 9.84 -1.35 -11.41
C ASP A 29 9.27 -1.75 -12.76
N LYS A 30 9.72 -2.91 -13.27
CA LYS A 30 9.31 -3.40 -14.56
C LYS A 30 7.93 -4.03 -14.56
N SER A 31 7.30 -4.14 -13.40
CA SER A 31 5.97 -4.74 -13.30
C SER A 31 4.85 -3.72 -13.19
N SER A 32 5.09 -2.57 -12.56
CA SER A 32 4.06 -1.56 -12.48
C SER A 32 3.85 -0.92 -13.85
N TRP A 33 2.69 -0.28 -14.02
CA TRP A 33 2.24 0.24 -15.29
C TRP A 33 2.42 1.76 -15.29
N ASN A 34 3.19 2.28 -16.24
CA ASN A 34 3.34 3.72 -16.45
C ASN A 34 2.13 4.22 -17.22
N SER A 35 1.31 5.06 -16.59
CA SER A 35 0.06 5.46 -17.23
C SER A 35 0.19 6.72 -18.07
N ILE A 36 1.16 7.59 -17.79
CA ILE A 36 1.42 8.71 -18.70
C ILE A 36 1.92 8.20 -20.04
N GLN A 37 2.85 7.24 -20.01
CA GLN A 37 3.12 6.41 -21.16
C GLN A 37 2.04 5.35 -21.28
N ASN A 38 2.18 4.46 -22.27
CA ASN A 38 1.50 3.17 -22.15
C ASN A 38 2.34 2.24 -21.27
N LYS A 39 3.56 1.95 -21.72
CA LYS A 39 4.28 0.76 -21.30
C LYS A 39 4.43 0.48 -19.81
N LYS A 40 4.64 -0.80 -19.50
CA LYS A 40 5.05 -1.25 -18.19
C LYS A 40 6.39 -0.62 -17.80
N GLY A 41 6.52 -0.22 -16.54
CA GLY A 41 7.78 0.28 -16.05
C GLY A 41 7.68 1.63 -15.36
N LYS A 42 8.25 1.73 -14.15
CA LYS A 42 8.23 2.97 -13.39
C LYS A 42 9.57 3.14 -12.67
N GLN A 43 10.06 4.38 -12.62
CA GLN A 43 11.30 4.70 -11.91
C GLN A 43 10.99 5.04 -10.46
N VAL A 44 11.68 4.38 -9.53
CA VAL A 44 11.46 4.59 -8.10
C VAL A 44 12.71 5.24 -7.51
N TYR A 45 12.53 6.40 -6.90
CA TYR A 45 13.62 7.15 -6.29
C TYR A 45 13.76 6.71 -4.84
N LEU A 46 14.95 6.23 -4.46
CA LEU A 46 15.16 5.72 -3.11
C LEU A 46 15.85 6.71 -2.19
N GLY A 47 16.42 7.79 -2.69
CA GLY A 47 17.00 8.82 -1.85
C GLY A 47 18.41 9.16 -2.26
N ALA A 48 18.98 10.12 -1.53
CA ALA A 48 20.33 10.63 -1.77
C ALA A 48 21.25 10.23 -0.63
N TYR A 49 22.49 9.87 -0.97
CA TYR A 49 23.46 9.35 -0.01
C TYR A 49 24.82 10.02 -0.22
N ASP A 50 25.42 10.46 0.88
CA ASP A 50 26.76 11.03 0.82
C ASP A 50 27.81 9.98 0.53
N SER A 51 27.46 8.70 0.69
CA SER A 51 28.38 7.59 0.50
C SER A 51 27.87 6.65 -0.59
N GLU A 52 28.72 6.44 -1.60
CA GLU A 52 28.32 5.61 -2.74
C GLU A 52 27.95 4.20 -2.30
N GLU A 53 28.75 3.59 -1.43
CA GLU A 53 28.46 2.26 -0.93
C GLU A 53 27.10 2.22 -0.23
N ALA A 54 26.76 3.30 0.49
CA ALA A 54 25.46 3.34 1.14
C ALA A 54 24.33 3.36 0.12
N ALA A 55 24.50 4.10 -0.98
CA ALA A 55 23.47 4.06 -2.01
C ALA A 55 23.37 2.67 -2.63
N ALA A 56 24.50 1.99 -2.78
CA ALA A 56 24.45 0.62 -3.32
C ALA A 56 23.68 -0.29 -2.38
N HIS A 57 23.94 -0.20 -1.08
CA HIS A 57 23.22 -1.01 -0.10
C HIS A 57 21.74 -0.70 -0.14
N THR A 58 21.40 0.58 -0.28
CA THR A 58 20.00 0.96 -0.36
C THR A 58 19.33 0.32 -1.56
N TYR A 59 19.99 0.36 -2.72
CA TYR A 59 19.44 -0.32 -3.89
C TYR A 59 19.25 -1.81 -3.60
N ASP A 60 20.26 -2.45 -3.01
CA ASP A 60 20.15 -3.88 -2.72
C ASP A 60 18.92 -4.18 -1.88
N LEU A 61 18.71 -3.38 -0.84
CA LEU A 61 17.60 -3.65 0.07
C LEU A 61 16.25 -3.43 -0.60
N ALA A 62 16.11 -2.33 -1.34
CA ALA A 62 14.86 -2.10 -2.06
C ALA A 62 14.59 -3.21 -3.07
N ALA A 63 15.64 -3.65 -3.78
CA ALA A 63 15.47 -4.74 -4.74
C ALA A 63 15.03 -6.02 -4.05
N LEU A 64 15.58 -6.28 -2.85
CA LEU A 64 15.15 -7.44 -2.08
C LEU A 64 13.67 -7.33 -1.71
N LYS A 65 13.23 -6.14 -1.31
CA LYS A 65 11.81 -6.00 -0.98
C LYS A 65 10.93 -6.18 -2.22
N TYR A 66 11.44 -5.81 -3.39
CA TYR A 66 10.62 -5.86 -4.60
C TYR A 66 10.61 -7.23 -5.28
N TRP A 67 11.70 -8.00 -5.17
CA TRP A 67 11.85 -9.14 -6.07
C TRP A 67 12.49 -10.38 -5.43
N GLY A 68 12.69 -10.42 -4.12
CA GLY A 68 13.15 -11.62 -3.48
C GLY A 68 14.66 -11.81 -3.53
N PRO A 69 15.15 -12.81 -2.78
CA PRO A 69 16.59 -12.90 -2.47
C PRO A 69 17.49 -13.33 -3.62
N ASP A 70 17.01 -13.50 -4.86
CA ASP A 70 17.97 -13.78 -5.92
C ASP A 70 17.83 -12.83 -7.10
N THR A 71 17.20 -11.67 -6.89
CA THR A 71 17.32 -10.56 -7.81
C THR A 71 18.78 -10.11 -7.88
N ILE A 72 19.11 -9.32 -8.90
CA ILE A 72 20.49 -8.88 -9.10
C ILE A 72 20.83 -7.81 -8.05
N LEU A 73 21.96 -7.99 -7.36
CA LEU A 73 22.31 -7.14 -6.23
C LEU A 73 23.75 -6.70 -6.31
N ASN A 74 24.01 -5.50 -5.79
CA ASN A 74 25.38 -5.02 -5.67
C ASN A 74 26.19 -5.87 -4.71
N PHE A 75 25.53 -6.52 -3.77
CA PHE A 75 26.23 -7.36 -2.81
C PHE A 75 25.38 -8.59 -2.52
N PRO A 76 25.99 -9.70 -2.14
CA PRO A 76 25.23 -10.94 -1.99
C PRO A 76 24.17 -10.86 -0.92
N ALA A 77 23.06 -11.57 -1.17
CA ALA A 77 21.92 -11.56 -0.26
C ALA A 77 22.27 -12.06 1.13
N GLU A 78 23.32 -12.87 1.27
CA GLU A 78 23.72 -13.35 2.58
C GLU A 78 24.12 -12.20 3.50
N THR A 79 24.55 -11.07 2.93
CA THR A 79 24.89 -9.90 3.73
C THR A 79 23.65 -9.20 4.27
N TYR A 80 22.47 -9.52 3.75
CA TYR A 80 21.24 -8.83 4.12
C TYR A 80 20.27 -9.73 4.88
N THR A 81 20.75 -10.87 5.40
CA THR A 81 19.86 -11.87 5.99
C THR A 81 18.97 -11.25 7.05
N LYS A 82 19.57 -10.57 8.03
CA LYS A 82 18.77 -9.90 9.05
C LYS A 82 17.77 -8.94 8.42
N GLU A 83 18.24 -8.07 7.52
CA GLU A 83 17.32 -7.12 6.88
C GLU A 83 16.21 -7.87 6.15
N LEU A 84 16.54 -9.02 5.57
CA LEU A 84 15.53 -9.80 4.85
C LEU A 84 14.36 -10.14 5.76
N GLU A 85 14.63 -10.55 6.99
CA GLU A 85 13.52 -10.81 7.89
C GLU A 85 12.75 -9.54 8.20
N GLU A 86 13.46 -8.44 8.49
CA GLU A 86 12.74 -7.24 8.93
C GLU A 86 11.84 -6.73 7.82
N MET A 87 12.35 -6.76 6.60
CA MET A 87 11.65 -6.48 5.36
C MET A 87 10.27 -7.12 5.31
N GLN A 88 10.17 -8.37 5.77
CA GLN A 88 8.92 -9.11 5.64
C GLN A 88 7.82 -8.57 6.54
N ARG A 89 8.16 -7.76 7.54
CA ARG A 89 7.17 -7.36 8.54
C ARG A 89 6.43 -6.08 8.18
N VAL A 90 6.70 -5.47 7.03
CA VAL A 90 6.10 -4.18 6.69
C VAL A 90 5.64 -4.19 5.25
N THR A 91 4.86 -3.17 4.90
CA THR A 91 4.46 -2.93 3.52
C THR A 91 5.69 -2.66 2.66
N LYS A 92 5.50 -2.74 1.34
CA LYS A 92 6.53 -2.25 0.43
C LYS A 92 6.71 -0.75 0.58
N GLU A 93 5.59 -0.02 0.68
CA GLU A 93 5.65 1.42 0.89
C GLU A 93 6.26 1.76 2.25
N GLU A 94 5.94 0.98 3.28
CA GLU A 94 6.54 1.24 4.58
C GLU A 94 8.04 1.05 4.53
N TYR A 95 8.49 -0.03 3.90
CA TYR A 95 9.92 -0.29 3.81
C TYR A 95 10.63 0.79 3.01
N LEU A 96 10.04 1.23 1.89
CA LEU A 96 10.67 2.26 1.07
C LEU A 96 10.72 3.59 1.82
N ALA A 97 9.65 3.91 2.57
CA ALA A 97 9.67 5.08 3.42
C ALA A 97 10.77 4.99 4.47
N SER A 98 10.97 3.79 5.05
CA SER A 98 12.03 3.66 6.03
C SER A 98 13.40 3.87 5.39
N LEU A 99 13.61 3.29 4.20
CA LEU A 99 14.87 3.46 3.49
C LEU A 99 15.11 4.93 3.19
N ARG A 100 14.06 5.64 2.75
CA ARG A 100 14.18 7.07 2.52
C ARG A 100 14.48 7.82 3.80
N ARG A 101 13.93 7.36 4.93
CA ARG A 101 14.11 8.04 6.21
C ARG A 101 15.56 7.99 6.67
N GLN A 102 16.27 6.90 6.38
CA GLN A 102 17.69 6.78 6.70
C GLN A 102 18.60 7.49 5.72
N SER A 103 18.10 8.00 4.61
CA SER A 103 19.01 8.49 3.60
C SER A 103 19.64 9.80 4.03
N SER A 104 20.75 10.15 3.37
CA SER A 104 21.48 11.37 3.72
C SER A 104 20.66 12.62 3.47
N GLY A 105 19.90 12.63 2.37
CA GLY A 105 19.19 13.84 2.00
C GLY A 105 17.89 14.08 2.74
N PHE A 106 17.44 13.12 3.54
CA PHE A 106 16.18 13.29 4.26
C PHE A 106 16.21 14.55 5.10
N SER A 107 17.24 14.71 5.92
CA SER A 107 17.37 15.90 6.76
C SER A 107 18.80 16.39 6.73
N ARG A 108 18.98 17.66 6.39
CA ARG A 108 20.26 18.35 6.42
C ARG A 108 20.20 19.46 7.46
N GLY A 109 21.37 19.99 7.78
CA GLY A 109 21.41 21.11 8.69
C GLY A 109 21.39 20.69 10.14
N VAL A 110 21.05 21.67 10.99
CA VAL A 110 21.29 21.56 12.42
C VAL A 110 20.52 20.38 13.01
N SER A 111 19.20 20.43 12.91
CA SER A 111 18.38 19.34 13.41
C SER A 111 18.53 18.09 12.55
N LYS A 112 18.35 16.95 13.19
CA LYS A 112 18.34 15.66 12.51
C LYS A 112 16.97 15.34 11.93
N TYR A 113 15.97 16.18 12.14
CA TYR A 113 14.62 15.93 11.68
C TYR A 113 14.29 16.81 10.48
N ARG A 114 13.54 16.27 9.53
CA ARG A 114 13.14 17.06 8.36
C ARG A 114 12.06 18.04 8.77
N GLY A 115 12.10 19.23 8.17
CA GLY A 115 11.12 20.23 8.49
C GLY A 115 11.34 20.94 9.80
N VAL A 116 12.42 20.65 10.51
CA VAL A 116 12.72 21.25 11.81
C VAL A 116 13.96 22.13 11.65
N ALA A 117 13.88 23.35 12.17
CA ALA A 117 15.04 24.24 12.26
C ALA A 117 14.82 25.12 13.47
N ARG A 118 15.77 26.00 13.78
CA ARG A 118 15.70 26.72 15.03
C ARG A 118 15.15 28.12 14.86
N HIS A 119 14.27 28.50 15.80
CA HIS A 119 13.58 29.79 15.86
C HIS A 119 14.59 30.85 16.30
N HIS A 120 15.09 31.62 15.34
CA HIS A 120 16.14 32.61 15.57
C HIS A 120 17.27 32.04 16.42
N HIS A 121 17.49 32.64 17.59
CA HIS A 121 18.40 32.10 18.59
C HIS A 121 17.69 31.80 19.91
N ASN A 122 16.35 31.79 19.90
CA ASN A 122 15.58 31.59 21.13
C ASN A 122 15.86 30.25 21.80
N GLY A 123 16.58 29.35 21.15
CA GLY A 123 16.75 28.02 21.67
C GLY A 123 15.58 27.10 21.46
N ARG A 124 14.57 27.50 20.68
CA ARG A 124 13.41 26.67 20.40
C ARG A 124 13.37 26.32 18.92
N TRP A 125 12.45 25.43 18.55
CA TRP A 125 12.45 24.80 17.24
C TRP A 125 11.15 25.07 16.50
N GLU A 126 11.28 25.64 15.30
CA GLU A 126 10.17 25.81 14.37
C GLU A 126 10.07 24.61 13.45
N ALA A 127 8.83 24.18 13.22
CA ALA A 127 8.52 23.21 12.17
C ALA A 127 7.90 23.95 10.98
N ARG A 128 8.35 23.63 9.78
CA ARG A 128 7.86 24.19 8.54
C ARG A 128 7.61 23.05 7.54
N ILE A 129 6.67 23.26 6.63
CA ILE A 129 6.42 22.27 5.59
C ILE A 129 6.01 22.97 4.30
N GLY A 130 6.47 22.43 3.17
CA GLY A 130 6.25 23.08 1.89
C GLY A 130 5.03 22.53 1.18
N ARG A 131 4.28 23.41 0.53
CA ARG A 131 3.07 23.02 -0.17
C ARG A 131 2.94 23.86 -1.45
N VAL A 132 3.21 23.22 -2.59
CA VAL A 132 3.16 23.93 -3.86
C VAL A 132 1.74 24.40 -4.15
N PHE A 133 0.75 23.66 -3.68
CA PHE A 133 -0.63 24.11 -3.73
C PHE A 133 -0.80 25.24 -2.74
N GLY A 134 -1.09 26.44 -3.24
CA GLY A 134 -1.09 27.63 -2.42
C GLY A 134 0.25 28.30 -2.33
N ASN A 135 1.30 27.68 -2.87
CA ASN A 135 2.65 28.23 -2.88
C ASN A 135 3.03 28.74 -1.50
N LYS A 136 2.97 27.84 -0.52
CA LYS A 136 3.20 28.21 0.86
C LYS A 136 4.35 27.41 1.45
N TYR A 137 5.13 28.07 2.30
CA TYR A 137 6.02 27.38 3.23
C TYR A 137 5.32 27.52 4.58
N LEU A 138 4.40 26.59 4.82
CA LEU A 138 3.52 26.69 5.99
C LEU A 138 4.31 26.58 7.29
N TYR A 139 3.88 27.37 8.26
CA TYR A 139 4.48 27.43 9.60
C TYR A 139 3.63 26.59 10.55
N LEU A 140 4.28 25.67 11.26
CA LEU A 140 3.58 24.68 12.07
C LEU A 140 3.75 24.91 13.57
N GLY A 141 4.35 26.03 13.97
CA GLY A 141 4.49 26.35 15.37
C GLY A 141 5.93 26.29 15.83
N THR A 142 6.14 26.83 17.03
CA THR A 142 7.40 26.79 17.75
C THR A 142 7.30 25.87 18.95
N TYR A 143 8.33 25.06 19.16
CA TYR A 143 8.32 24.02 20.17
C TYR A 143 9.63 24.05 20.94
N ASN A 144 9.61 23.45 22.13
CA ASN A 144 10.79 23.47 22.97
C ASN A 144 11.76 22.34 22.67
N THR A 145 11.33 21.29 21.99
CA THR A 145 12.23 20.21 21.62
C THR A 145 12.09 19.89 20.13
N GLN A 146 13.20 19.44 19.54
CA GLN A 146 13.16 19.06 18.14
C GLN A 146 12.14 17.95 17.89
N GLU A 147 11.96 17.06 18.85
CA GLU A 147 11.01 15.97 18.64
C GLU A 147 9.60 16.50 18.49
N GLU A 148 9.24 17.54 19.24
CA GLU A 148 7.90 18.11 19.12
C GLU A 148 7.68 18.73 17.75
N ALA A 149 8.62 19.60 17.34
CA ALA A 149 8.56 20.17 16.01
C ALA A 149 8.45 19.09 14.95
N ALA A 150 9.23 18.01 15.09
CA ALA A 150 9.23 16.93 14.11
C ALA A 150 7.90 16.19 14.11
N ALA A 151 7.26 16.08 15.28
CA ALA A 151 5.92 15.51 15.35
C ALA A 151 4.93 16.36 14.57
N ALA A 152 5.03 17.68 14.74
CA ALA A 152 4.14 18.59 14.01
C ALA A 152 4.35 18.50 12.51
N TYR A 153 5.63 18.53 12.09
CA TYR A 153 5.93 18.36 10.68
C TYR A 153 5.34 17.06 10.17
N ASP A 154 5.52 15.98 10.93
CA ASP A 154 4.98 14.70 10.52
C ASP A 154 3.48 14.79 10.28
N MET A 155 2.74 15.30 11.27
CA MET A 155 1.28 15.32 11.15
C MET A 155 0.85 16.09 9.91
N ALA A 156 1.42 17.29 9.72
CA ALA A 156 1.14 18.03 8.50
C ALA A 156 1.50 17.21 7.25
N ALA A 157 2.57 16.43 7.34
CA ALA A 157 3.00 15.65 6.18
C ALA A 157 1.98 14.57 5.83
N ILE A 158 1.51 13.81 6.83
CA ILE A 158 0.50 12.81 6.49
C ILE A 158 -0.75 13.49 5.97
N GLU A 159 -1.10 14.65 6.53
CA GLU A 159 -2.31 15.33 6.09
C GLU A 159 -2.22 15.74 4.63
N TYR A 160 -1.11 16.36 4.23
CA TYR A 160 -0.99 16.92 2.90
C TYR A 160 -0.42 15.96 1.86
N ARG A 161 0.04 14.78 2.28
CA ARG A 161 0.61 13.81 1.37
C ARG A 161 0.05 12.41 1.55
N GLY A 162 -0.66 12.15 2.65
CA GLY A 162 -1.41 10.90 2.78
C GLY A 162 -0.49 9.69 2.80
N ALA A 163 -0.83 8.69 1.99
CA ALA A 163 0.04 7.55 1.82
C ALA A 163 1.30 7.97 1.08
N ASN A 164 2.38 7.21 1.29
CA ASN A 164 3.69 7.55 0.73
C ASN A 164 4.15 8.92 1.20
N ALA A 165 3.85 9.25 2.45
CA ALA A 165 4.38 10.43 3.11
C ALA A 165 5.51 9.99 4.03
N VAL A 166 6.69 10.58 3.85
CA VAL A 166 7.87 10.21 4.63
C VAL A 166 7.93 11.10 5.86
N THR A 167 7.80 10.48 7.03
CA THR A 167 7.73 11.18 8.30
C THR A 167 9.00 10.96 9.10
N ASN A 168 9.31 11.91 9.98
CA ASN A 168 10.43 11.74 10.88
C ASN A 168 10.25 10.51 11.77
N PHE A 169 9.05 10.33 12.32
CA PHE A 169 8.73 9.20 13.17
C PHE A 169 7.76 8.27 12.46
N ASP A 170 7.65 7.05 12.99
CA ASP A 170 6.95 6.00 12.25
C ASP A 170 5.50 6.38 11.99
N ILE A 171 5.05 6.06 10.78
CA ILE A 171 3.68 6.35 10.36
C ILE A 171 2.69 5.80 11.37
N SER A 172 2.98 4.61 11.89
CA SER A 172 2.10 3.94 12.85
C SER A 172 1.92 4.75 14.14
N ASN A 173 2.81 5.70 14.43
CA ASN A 173 2.63 6.55 15.60
C ASN A 173 1.39 7.40 15.50
N TYR A 174 0.86 7.59 14.29
CA TYR A 174 -0.17 8.60 14.06
C TYR A 174 -1.52 7.99 13.67
N ILE A 175 -1.79 6.74 14.06
CA ILE A 175 -3.07 6.11 13.75
C ILE A 175 -4.04 6.26 14.91
N ARG B 7 -5.80 -6.16 -24.66
CA ARG B 7 -6.55 -6.53 -23.46
C ARG B 7 -6.98 -5.29 -22.67
N SER B 8 -8.06 -5.45 -21.90
CA SER B 8 -8.63 -4.33 -21.15
C SER B 8 -7.60 -3.74 -20.20
N SER B 9 -6.82 -4.60 -19.56
CA SER B 9 -5.68 -4.17 -18.76
C SER B 9 -4.66 -5.30 -18.76
N ILE B 10 -3.39 -4.91 -18.63
CA ILE B 10 -2.35 -5.89 -18.36
C ILE B 10 -2.57 -6.34 -16.92
N TYR B 11 -1.83 -7.37 -16.50
CA TYR B 11 -1.99 -8.12 -15.26
C TYR B 11 -3.02 -9.21 -15.48
N ARG B 12 -2.82 -10.33 -14.82
CA ARG B 12 -3.69 -11.47 -14.97
C ARG B 12 -4.81 -11.36 -13.93
N GLY B 13 -6.04 -11.62 -14.37
CA GLY B 13 -7.17 -11.53 -13.46
C GLY B 13 -7.69 -10.13 -13.20
N VAL B 14 -7.34 -9.14 -14.03
CA VAL B 14 -7.79 -7.77 -13.84
C VAL B 14 -8.49 -7.31 -15.11
N THR B 15 -9.69 -6.75 -14.98
CA THR B 15 -10.32 -6.08 -16.11
C THR B 15 -10.77 -4.69 -15.70
N ARG B 16 -10.40 -3.71 -16.51
CA ARG B 16 -10.98 -2.38 -16.37
C ARG B 16 -12.34 -2.39 -17.03
N HIS B 17 -13.38 -2.06 -16.27
CA HIS B 17 -14.72 -2.03 -16.85
C HIS B 17 -14.76 -1.02 -17.99
N ARG B 18 -15.35 -1.45 -19.12
CA ARG B 18 -15.33 -0.65 -20.34
C ARG B 18 -15.87 0.75 -20.11
N TRP B 19 -16.86 0.90 -19.22
CA TRP B 19 -17.66 2.12 -19.10
C TRP B 19 -17.52 2.82 -17.77
N THR B 20 -17.46 2.08 -16.66
CA THR B 20 -17.32 2.70 -15.35
C THR B 20 -15.87 3.05 -15.01
N GLY B 21 -14.90 2.39 -15.65
CA GLY B 21 -13.51 2.64 -15.37
C GLY B 21 -12.96 1.94 -14.14
N ARG B 22 -13.79 1.22 -13.40
CA ARG B 22 -13.31 0.51 -12.22
C ARG B 22 -12.51 -0.72 -12.62
N PHE B 23 -11.52 -1.06 -11.80
CA PHE B 23 -10.63 -2.19 -12.05
C PHE B 23 -11.10 -3.37 -11.21
N GLU B 24 -11.76 -4.33 -11.85
CA GLU B 24 -12.31 -5.47 -11.14
C GLU B 24 -11.32 -6.63 -11.19
N ALA B 25 -11.14 -7.29 -10.06
CA ALA B 25 -10.31 -8.49 -10.01
C ALA B 25 -11.22 -9.71 -9.93
N HIS B 26 -10.76 -10.80 -10.53
CA HIS B 26 -11.55 -12.01 -10.65
C HIS B 26 -10.59 -13.17 -10.82
N LEU B 27 -11.10 -14.38 -10.59
CA LEU B 27 -10.26 -15.58 -10.58
C LEU B 27 -11.01 -16.74 -11.21
N TRP B 28 -10.32 -17.49 -12.06
CA TRP B 28 -10.92 -18.64 -12.75
C TRP B 28 -10.57 -19.93 -12.03
N ASP B 29 -11.58 -20.63 -11.53
CA ASP B 29 -11.40 -21.87 -10.79
C ASP B 29 -11.93 -23.03 -11.62
N LYS B 30 -11.02 -23.79 -12.24
CA LYS B 30 -11.45 -24.94 -13.03
C LYS B 30 -12.10 -26.02 -12.17
N SER B 31 -11.73 -26.11 -10.89
CA SER B 31 -12.24 -27.18 -10.03
C SER B 31 -13.65 -26.91 -9.51
N SER B 32 -13.98 -25.63 -9.27
CA SER B 32 -15.30 -25.27 -8.77
C SER B 32 -16.37 -25.61 -9.80
N TRP B 33 -17.56 -25.92 -9.31
CA TRP B 33 -18.64 -26.47 -10.13
C TRP B 33 -19.72 -25.43 -10.36
N ASN B 34 -20.08 -25.23 -11.64
CA ASN B 34 -21.22 -24.38 -12.02
C ASN B 34 -22.47 -25.24 -12.02
N SER B 35 -23.39 -24.98 -11.07
CA SER B 35 -24.56 -25.84 -10.90
C SER B 35 -25.52 -25.70 -12.07
N ILE B 36 -26.02 -24.49 -12.31
CA ILE B 36 -26.75 -24.20 -13.54
C ILE B 36 -25.78 -24.28 -14.71
N GLN B 37 -26.31 -24.64 -15.88
CA GLN B 37 -25.50 -24.90 -17.07
C GLN B 37 -24.29 -25.76 -16.70
N ASN B 38 -24.58 -26.91 -16.11
CA ASN B 38 -23.62 -27.63 -15.28
C ASN B 38 -22.45 -28.13 -16.09
N LYS B 39 -21.32 -27.44 -15.98
CA LYS B 39 -20.04 -27.89 -16.51
C LYS B 39 -18.93 -27.45 -15.55
N LYS B 40 -17.72 -27.87 -15.86
CA LYS B 40 -16.56 -27.58 -15.02
C LYS B 40 -16.22 -26.10 -15.09
N GLY B 41 -16.12 -25.46 -13.93
CA GLY B 41 -15.62 -24.10 -13.91
C GLY B 41 -16.50 -23.11 -13.18
N LYS B 42 -15.89 -22.03 -12.70
CA LYS B 42 -16.65 -20.96 -12.06
C LYS B 42 -15.74 -19.75 -11.97
N GLN B 43 -16.26 -18.59 -12.35
CA GLN B 43 -15.54 -17.35 -12.22
C GLN B 43 -15.80 -16.76 -10.84
N VAL B 44 -14.74 -16.51 -10.08
CA VAL B 44 -14.81 -16.00 -8.73
C VAL B 44 -14.55 -14.50 -8.78
N TYR B 45 -15.48 -13.73 -8.23
CA TYR B 45 -15.39 -12.29 -8.22
C TYR B 45 -14.64 -11.84 -6.96
N LEU B 46 -13.58 -11.06 -7.15
CA LEU B 46 -12.73 -10.66 -6.03
C LEU B 46 -12.93 -9.22 -5.58
N GLY B 47 -13.59 -8.40 -6.37
CA GLY B 47 -13.94 -7.06 -5.94
C GLY B 47 -13.52 -6.00 -6.94
N ALA B 48 -14.08 -4.81 -6.73
CA ALA B 48 -13.83 -3.64 -7.56
C ALA B 48 -12.82 -2.74 -6.87
N TYR B 49 -11.90 -2.18 -7.65
CA TYR B 49 -10.81 -1.41 -7.08
C TYR B 49 -10.64 -0.12 -7.87
N ASP B 50 -10.38 0.96 -7.14
CA ASP B 50 -10.14 2.26 -7.75
C ASP B 50 -8.74 2.39 -8.31
N SER B 51 -7.81 1.49 -7.96
CA SER B 51 -6.48 1.47 -8.54
C SER B 51 -6.22 0.11 -9.20
N GLU B 52 -5.59 0.14 -10.37
CA GLU B 52 -5.35 -1.08 -11.11
C GLU B 52 -4.38 -2.00 -10.37
N GLU B 53 -3.33 -1.41 -9.79
CA GLU B 53 -2.34 -2.21 -9.07
C GLU B 53 -2.97 -2.92 -7.89
N ALA B 54 -3.91 -2.26 -7.20
CA ALA B 54 -4.60 -2.92 -6.10
C ALA B 54 -5.29 -4.18 -6.58
N ALA B 55 -5.99 -4.11 -7.71
CA ALA B 55 -6.68 -5.28 -8.24
C ALA B 55 -5.69 -6.37 -8.59
N ALA B 56 -4.54 -6.01 -9.15
CA ALA B 56 -3.51 -7.02 -9.45
C ALA B 56 -3.04 -7.72 -8.19
N HIS B 57 -2.80 -6.96 -7.12
CA HIS B 57 -2.34 -7.56 -5.87
C HIS B 57 -3.40 -8.49 -5.29
N THR B 58 -4.67 -8.07 -5.29
CA THR B 58 -5.70 -8.96 -4.73
C THR B 58 -5.86 -10.21 -5.57
N TYR B 59 -5.75 -10.12 -6.90
CA TYR B 59 -5.75 -11.36 -7.67
C TYR B 59 -4.62 -12.26 -7.19
N ASP B 60 -3.44 -11.69 -6.99
CA ASP B 60 -2.30 -12.49 -6.54
C ASP B 60 -2.61 -13.20 -5.24
N LEU B 61 -3.15 -12.46 -4.28
CA LEU B 61 -3.43 -13.04 -2.96
C LEU B 61 -4.43 -14.17 -3.07
N ALA B 62 -5.49 -13.97 -3.86
CA ALA B 62 -6.50 -15.01 -4.02
C ALA B 62 -5.90 -16.24 -4.70
N ALA B 63 -5.06 -16.03 -5.71
CA ALA B 63 -4.40 -17.16 -6.36
C ALA B 63 -3.51 -17.92 -5.37
N LEU B 64 -2.84 -17.18 -4.47
CA LEU B 64 -1.97 -17.84 -3.50
C LEU B 64 -2.78 -18.68 -2.52
N LYS B 65 -3.92 -18.16 -2.05
CA LYS B 65 -4.74 -19.00 -1.19
C LYS B 65 -5.30 -20.19 -1.95
N TYR B 66 -5.53 -20.04 -3.25
CA TYR B 66 -6.15 -21.12 -3.99
C TYR B 66 -5.17 -22.26 -4.27
N TRP B 67 -4.05 -21.96 -4.94
CA TRP B 67 -3.19 -23.01 -5.47
C TRP B 67 -1.74 -22.94 -4.99
N GLY B 68 -1.39 -22.01 -4.10
CA GLY B 68 -0.07 -22.01 -3.51
C GLY B 68 0.91 -21.09 -4.21
N PRO B 69 2.16 -21.06 -3.71
CA PRO B 69 3.13 -20.04 -4.18
C PRO B 69 3.69 -20.28 -5.57
N ASP B 70 3.40 -21.41 -6.22
CA ASP B 70 3.94 -21.67 -7.55
C ASP B 70 3.02 -21.22 -8.68
N THR B 71 1.87 -20.63 -8.37
CA THR B 71 0.93 -20.20 -9.39
C THR B 71 1.40 -18.91 -10.05
N ILE B 72 0.84 -18.62 -11.22
CA ILE B 72 1.20 -17.40 -11.94
C ILE B 72 0.76 -16.19 -11.12
N LEU B 73 1.58 -15.14 -11.11
CA LEU B 73 1.34 -13.96 -10.29
C LEU B 73 1.66 -12.69 -11.07
N ASN B 74 0.97 -11.60 -10.72
CA ASN B 74 1.32 -10.30 -11.27
C ASN B 74 2.62 -9.79 -10.67
N PHE B 75 2.84 -10.04 -9.39
CA PHE B 75 4.07 -9.70 -8.71
C PHE B 75 4.62 -10.94 -8.02
N PRO B 76 5.95 -11.08 -7.93
CA PRO B 76 6.53 -12.36 -7.54
C PRO B 76 6.11 -12.81 -6.14
N ALA B 77 6.13 -14.13 -5.94
CA ALA B 77 5.61 -14.72 -4.72
C ALA B 77 6.32 -14.18 -3.48
N GLU B 78 7.62 -13.93 -3.58
CA GLU B 78 8.39 -13.46 -2.43
C GLU B 78 7.80 -12.17 -1.86
N THR B 79 7.31 -11.28 -2.73
CA THR B 79 6.75 -10.01 -2.29
C THR B 79 5.58 -10.20 -1.33
N TYR B 80 4.96 -11.37 -1.33
CA TYR B 80 3.79 -11.63 -0.50
C TYR B 80 4.13 -12.43 0.75
N THR B 81 5.42 -12.53 1.09
CA THR B 81 5.89 -13.34 2.22
C THR B 81 4.97 -13.26 3.44
N LYS B 82 4.79 -12.05 3.98
CA LYS B 82 3.98 -11.93 5.20
C LYS B 82 2.59 -12.51 4.99
N GLU B 83 1.89 -12.04 3.95
CA GLU B 83 0.52 -12.49 3.74
C GLU B 83 0.46 -14.00 3.59
N LEU B 84 1.55 -14.60 3.10
CA LEU B 84 1.57 -16.02 2.84
C LEU B 84 1.35 -16.85 4.10
N GLU B 85 1.56 -16.29 5.30
CA GLU B 85 1.09 -17.00 6.49
C GLU B 85 -0.28 -16.56 6.97
N GLU B 86 -0.57 -15.25 6.87
CA GLU B 86 -1.86 -14.76 7.32
C GLU B 86 -2.97 -15.51 6.59
N MET B 87 -2.80 -15.62 5.29
CA MET B 87 -3.54 -16.52 4.40
C MET B 87 -3.77 -17.90 5.02
N GLN B 88 -2.67 -18.57 5.39
CA GLN B 88 -2.76 -19.93 5.93
C GLN B 88 -3.65 -20.00 7.16
N ARG B 89 -3.79 -18.89 7.88
CA ARG B 89 -4.53 -18.89 9.15
C ARG B 89 -5.98 -19.31 8.99
N VAL B 90 -6.61 -18.98 7.87
CA VAL B 90 -8.06 -19.01 7.72
C VAL B 90 -8.45 -19.94 6.57
N THR B 91 -9.75 -20.17 6.44
CA THR B 91 -10.22 -20.94 5.30
C THR B 91 -10.05 -20.10 4.03
N LYS B 92 -10.23 -20.74 2.89
CA LYS B 92 -10.25 -20.01 1.62
C LYS B 92 -11.39 -18.99 1.60
N GLU B 93 -12.56 -19.40 2.11
CA GLU B 93 -13.73 -18.52 2.13
C GLU B 93 -13.46 -17.29 3.00
N GLU B 94 -12.90 -17.49 4.20
CA GLU B 94 -12.61 -16.33 5.04
C GLU B 94 -11.60 -15.42 4.39
N TYR B 95 -10.59 -15.98 3.73
CA TYR B 95 -9.59 -15.13 3.12
C TYR B 95 -10.18 -14.32 1.95
N LEU B 96 -11.05 -14.94 1.15
CA LEU B 96 -11.69 -14.19 0.06
C LEU B 96 -12.61 -13.10 0.61
N ALA B 97 -13.36 -13.41 1.68
CA ALA B 97 -14.21 -12.40 2.30
C ALA B 97 -13.38 -11.24 2.83
N SER B 98 -12.24 -11.54 3.43
CA SER B 98 -11.36 -10.48 3.92
C SER B 98 -10.81 -9.66 2.77
N LEU B 99 -10.47 -10.32 1.67
CA LEU B 99 -9.99 -9.61 0.48
C LEU B 99 -11.07 -8.65 -0.03
N ARG B 100 -12.30 -9.12 -0.12
CA ARG B 100 -13.38 -8.28 -0.63
C ARG B 100 -13.68 -7.13 0.34
N ARG B 101 -13.60 -7.38 1.66
CA ARG B 101 -13.85 -6.35 2.66
C ARG B 101 -12.87 -5.18 2.54
N GLN B 102 -11.70 -5.40 1.96
CA GLN B 102 -10.71 -4.34 1.75
C GLN B 102 -10.76 -3.74 0.36
N SER B 103 -11.69 -4.18 -0.49
CA SER B 103 -11.83 -3.57 -1.81
C SER B 103 -12.55 -2.23 -1.68
N SER B 104 -12.24 -1.31 -2.61
CA SER B 104 -12.80 0.02 -2.52
C SER B 104 -14.30 0.01 -2.77
N GLY B 105 -14.81 -0.96 -3.52
CA GLY B 105 -16.24 -1.04 -3.75
C GLY B 105 -17.04 -1.65 -2.61
N PHE B 106 -16.39 -2.12 -1.55
CA PHE B 106 -17.10 -2.76 -0.45
C PHE B 106 -18.07 -1.80 0.22
N SER B 107 -17.60 -0.59 0.53
CA SER B 107 -18.44 0.42 1.16
C SER B 107 -18.26 1.73 0.41
N ARG B 108 -19.38 2.40 0.15
CA ARG B 108 -19.38 3.67 -0.56
C ARG B 108 -20.04 4.74 0.30
N GLY B 109 -19.70 5.98 0.00
CA GLY B 109 -20.29 7.11 0.70
C GLY B 109 -19.66 7.34 2.06
N VAL B 110 -20.39 8.09 2.89
CA VAL B 110 -19.94 8.39 4.23
C VAL B 110 -20.12 7.15 5.10
N SER B 111 -19.10 6.83 5.88
CA SER B 111 -18.96 5.70 6.82
C SER B 111 -18.27 4.53 6.14
N LYS B 112 -17.30 3.96 6.85
CA LYS B 112 -16.47 2.88 6.30
C LYS B 112 -17.23 1.58 6.11
N TYR B 113 -18.41 1.47 6.68
CA TYR B 113 -19.08 0.17 6.80
C TYR B 113 -20.21 0.05 5.79
N ARG B 114 -20.21 -1.05 5.06
CA ARG B 114 -21.28 -1.36 4.13
C ARG B 114 -22.59 -1.53 4.90
N GLY B 115 -23.69 -1.06 4.30
CA GLY B 115 -24.98 -1.11 4.94
C GLY B 115 -25.24 -0.03 5.96
N VAL B 116 -24.43 1.02 5.99
CA VAL B 116 -24.53 2.04 7.03
C VAL B 116 -24.66 3.41 6.37
N ALA B 117 -25.63 4.19 6.83
CA ALA B 117 -25.84 5.55 6.34
C ALA B 117 -26.57 6.34 7.43
N ARG B 118 -26.56 7.66 7.28
CA ARG B 118 -27.20 8.54 8.25
C ARG B 118 -28.68 8.75 7.91
N GLY B 123 -27.19 12.69 12.58
CA GLY B 123 -26.93 12.27 13.93
C GLY B 123 -26.63 10.80 14.10
N ARG B 124 -27.67 9.97 14.20
CA ARG B 124 -27.52 8.54 14.39
C ARG B 124 -27.38 7.84 13.04
N TRP B 125 -27.18 6.51 13.10
CA TRP B 125 -26.78 5.72 11.95
C TRP B 125 -27.75 4.59 11.69
N GLU B 126 -28.17 4.45 10.43
CA GLU B 126 -29.15 3.46 10.02
C GLU B 126 -28.46 2.24 9.44
N ALA B 127 -29.04 1.07 9.67
CA ALA B 127 -28.56 -0.17 9.07
C ALA B 127 -29.63 -0.72 8.14
N ARG B 128 -29.23 -1.06 6.92
CA ARG B 128 -30.15 -1.59 5.93
C ARG B 128 -29.48 -2.77 5.21
N ILE B 129 -30.28 -3.76 4.83
CA ILE B 129 -29.79 -4.90 4.08
C ILE B 129 -30.75 -5.20 2.94
N GLY B 130 -30.18 -5.52 1.78
CA GLY B 130 -30.95 -5.97 0.64
C GLY B 130 -30.93 -7.48 0.56
N ARG B 131 -32.05 -8.07 0.17
CA ARG B 131 -32.16 -9.51 0.12
C ARG B 131 -33.11 -9.86 -1.00
N VAL B 132 -32.66 -10.69 -1.96
CA VAL B 132 -33.59 -11.36 -2.83
C VAL B 132 -34.42 -12.34 -2.01
N PHE B 133 -35.63 -12.63 -2.50
CA PHE B 133 -36.54 -13.55 -1.83
C PHE B 133 -36.82 -13.09 -0.40
N GLY B 134 -37.49 -11.95 -0.31
CA GLY B 134 -37.92 -11.40 0.96
C GLY B 134 -38.47 -10.01 0.74
N ASN B 135 -38.49 -9.21 1.80
CA ASN B 135 -38.68 -7.78 1.61
C ASN B 135 -37.41 -7.20 0.99
N LYS B 136 -37.58 -6.26 0.07
CA LYS B 136 -36.49 -5.84 -0.79
C LYS B 136 -35.34 -5.27 0.03
N TYR B 137 -35.62 -4.31 0.91
CA TYR B 137 -34.59 -3.61 1.68
C TYR B 137 -34.99 -3.65 3.15
N LEU B 138 -34.57 -4.70 3.84
CA LEU B 138 -34.93 -4.89 5.24
C LEU B 138 -34.42 -3.72 6.09
N TYR B 139 -35.23 -3.32 7.07
CA TYR B 139 -34.83 -2.27 8.00
C TYR B 139 -34.25 -2.92 9.25
N LEU B 140 -33.03 -2.54 9.62
CA LEU B 140 -32.32 -3.16 10.72
C LEU B 140 -32.27 -2.30 11.98
N GLY B 141 -32.62 -1.02 11.88
CA GLY B 141 -32.68 -0.16 13.05
C GLY B 141 -31.67 0.97 12.99
N THR B 142 -31.79 1.84 13.98
CA THR B 142 -30.91 3.00 14.14
C THR B 142 -30.07 2.83 15.39
N TYR B 143 -28.80 3.24 15.29
CA TYR B 143 -27.83 3.02 16.35
C TYR B 143 -26.94 4.25 16.48
N ASN B 144 -26.28 4.36 17.64
CA ASN B 144 -25.55 5.57 17.98
C ASN B 144 -24.12 5.60 17.45
N THR B 145 -23.63 4.48 16.90
CA THR B 145 -22.30 4.44 16.29
C THR B 145 -22.38 3.64 15.00
N GLN B 146 -21.44 3.93 14.09
CA GLN B 146 -21.33 3.13 12.87
C GLN B 146 -21.02 1.67 13.20
N GLU B 147 -20.31 1.42 14.31
CA GLU B 147 -19.95 0.05 14.64
C GLU B 147 -21.18 -0.80 14.93
N GLU B 148 -22.14 -0.26 15.68
CA GLU B 148 -23.33 -1.03 16.02
C GLU B 148 -24.17 -1.32 14.77
N ALA B 149 -24.40 -0.31 13.94
CA ALA B 149 -25.16 -0.52 12.70
C ALA B 149 -24.43 -1.50 11.78
N ALA B 150 -23.10 -1.39 11.72
CA ALA B 150 -22.31 -2.33 10.94
C ALA B 150 -22.46 -3.75 11.45
N ALA B 151 -22.47 -3.92 12.77
CA ALA B 151 -22.67 -5.25 13.35
C ALA B 151 -24.07 -5.77 13.05
N ALA B 152 -25.08 -4.90 13.09
CA ALA B 152 -26.43 -5.31 12.74
C ALA B 152 -26.50 -5.77 11.28
N TYR B 153 -25.86 -5.01 10.38
CA TYR B 153 -25.78 -5.46 8.99
C TYR B 153 -25.04 -6.78 8.90
N ASP B 154 -23.92 -6.91 9.61
CA ASP B 154 -23.12 -8.13 9.56
C ASP B 154 -23.94 -9.32 10.01
N MET B 155 -24.76 -9.15 11.05
CA MET B 155 -25.59 -10.25 11.53
C MET B 155 -26.70 -10.58 10.54
N ALA B 156 -27.29 -9.55 9.91
CA ALA B 156 -28.34 -9.82 8.93
C ALA B 156 -27.79 -10.52 7.70
N ALA B 157 -26.52 -10.28 7.37
CA ALA B 157 -25.92 -10.89 6.17
C ALA B 157 -25.72 -12.39 6.34
N ILE B 158 -25.24 -12.83 7.50
CA ILE B 158 -24.95 -14.25 7.70
C ILE B 158 -26.20 -15.09 7.48
N GLU B 159 -27.34 -14.59 7.94
CA GLU B 159 -28.59 -15.31 7.80
C GLU B 159 -29.04 -15.41 6.34
N ALA B 163 -23.05 -17.52 5.53
CA ALA B 163 -21.74 -18.13 5.73
C ALA B 163 -20.80 -17.72 4.62
N ASN B 164 -21.35 -17.58 3.42
CA ASN B 164 -20.64 -16.97 2.30
C ASN B 164 -20.71 -15.45 2.34
N ALA B 165 -21.44 -14.89 3.31
CA ALA B 165 -21.66 -13.45 3.37
C ALA B 165 -20.35 -12.70 3.65
N VAL B 166 -20.26 -11.50 3.09
CA VAL B 166 -19.13 -10.61 3.31
C VAL B 166 -19.55 -9.56 4.34
N THR B 167 -18.82 -9.47 5.43
CA THR B 167 -19.21 -8.66 6.58
C THR B 167 -18.17 -7.57 6.83
N ASN B 168 -18.61 -6.52 7.52
CA ASN B 168 -17.71 -5.45 7.90
C ASN B 168 -16.59 -5.96 8.80
N PHE B 169 -16.91 -6.89 9.69
CA PHE B 169 -15.95 -7.43 10.66
C PHE B 169 -15.85 -8.95 10.50
N ASP B 170 -14.68 -9.49 10.84
CA ASP B 170 -14.42 -10.92 10.69
C ASP B 170 -15.19 -11.70 11.74
N ILE B 171 -16.26 -12.36 11.32
CA ILE B 171 -17.02 -13.28 12.19
C ILE B 171 -17.51 -12.60 13.48
#